data_6XZH
#
_entry.id   6XZH
#
_cell.length_a   66.090
_cell.length_b   66.090
_cell.length_c   260.140
_cell.angle_alpha   90.000
_cell.angle_beta   90.000
_cell.angle_gamma   120.000
#
_symmetry.space_group_name_H-M   'P 65 2 2'
#
loop_
_entity.id
_entity.type
_entity.pdbx_description
1 polymer 'Vitamin D3 receptor A'
2 polymer ARG-HIS-LYS-ILE-URL-URK-URL-LEU-GLN
3 non-polymer 5-{2-[1-(5-HYDROXY-1,5-DIMETHYL-HEXYL)-7A-METHYL-OCTAHYDRO-INDEN-4-YLIDENE]-ETHYLIDENE}-4-METHYLENE-CYCLOHEXANE-1,3-DIOL
4 water water
#
loop_
_entity_poly.entity_id
_entity_poly.type
_entity_poly.pdbx_seq_one_letter_code
_entity_poly.pdbx_strand_id
1 'polypeptide(L)'
;GSHMLSDEQMQIINSLVEAHHKTYDDSYSDFVRFRPPVREGPVTRSASRAASLHSLSDASSDSFNHSPESVDTKLNFSNL
LMMYQDSGSPDSSEEDQQSRLSMLPHLADLVSYSIQKVIGFAKMIPGFRDLTAEDQIALLKSSAIEIIMLRSNQSFSLED
MSWSCGGPDFKYCINDVTKAGHTLELLEPLVKFQVGLKKLKLHEEEHVLLMAICLLSPDRPGVQDHVRIEALQDRLCDVL
QAYIRIQHPGGRLLYAKMIQKLADLRSLNEEHSKQYRSLSFQPEHSMQLTPLVLEVFGSEVS
;
A
2 'polypeptide(L)' RHKI(URL)(OUK)(URL)LQ B
#
# COMPACT_ATOMS: atom_id res chain seq x y z
N HIS A 3 20.18 -24.19 -5.78
CA HIS A 3 20.55 -22.84 -6.20
C HIS A 3 20.57 -21.87 -5.04
N MET A 4 21.10 -20.66 -5.29
CA MET A 4 21.14 -19.59 -4.31
C MET A 4 20.76 -18.27 -4.99
N LEU A 5 20.62 -17.22 -4.19
CA LEU A 5 20.42 -15.89 -4.76
C LEU A 5 21.76 -15.28 -5.16
N SER A 6 21.75 -14.58 -6.29
CA SER A 6 22.94 -13.91 -6.80
C SER A 6 23.26 -12.63 -6.03
N ASP A 7 24.52 -12.21 -6.14
CA ASP A 7 24.95 -10.96 -5.53
C ASP A 7 24.07 -9.79 -5.95
N GLU A 8 23.50 -9.84 -7.16
CA GLU A 8 22.67 -8.74 -7.61
C GLU A 8 21.25 -8.82 -7.08
N GLN A 9 20.69 -10.03 -6.98
CA GLN A 9 19.33 -10.14 -6.45
C GLN A 9 19.30 -9.84 -4.97
N MET A 10 20.37 -10.16 -4.25
CA MET A 10 20.36 -9.88 -2.82
C MET A 10 20.46 -8.40 -2.54
N GLN A 11 21.21 -7.66 -3.38
CA GLN A 11 21.28 -6.23 -3.20
C GLN A 11 19.92 -5.59 -3.45
N ILE A 12 19.13 -6.16 -4.36
CA ILE A 12 17.73 -5.74 -4.51
C ILE A 12 16.97 -5.99 -3.21
N ILE A 13 17.18 -7.14 -2.59
CA ILE A 13 16.48 -7.49 -1.36
C ILE A 13 16.86 -6.51 -0.24
N ASN A 14 18.17 -6.34 -0.03
CA ASN A 14 18.63 -5.47 1.06
C ASN A 14 18.13 -4.05 0.87
N SER A 15 18.16 -3.56 -0.35
CA SER A 15 17.73 -2.18 -0.62
C SER A 15 16.25 -2.00 -0.36
N LEU A 16 15.45 -2.90 -0.92
CA LEU A 16 14.00 -2.86 -0.70
C LEU A 16 13.67 -2.93 0.79
N VAL A 17 14.47 -3.66 1.57
CA VAL A 17 14.19 -3.83 2.99
C VAL A 17 14.53 -2.57 3.76
N GLU A 18 15.71 -2.01 3.50
CA GLU A 18 16.07 -0.74 4.11
C GLU A 18 15.14 0.38 3.66
N ALA A 19 14.69 0.33 2.40
CA ALA A 19 13.72 1.30 1.92
C ALA A 19 12.42 1.21 2.69
N HIS A 20 12.03 0.01 3.08
CA HIS A 20 10.82 -0.12 3.89
C HIS A 20 11.08 0.26 5.33
N HIS A 21 12.30 0.02 5.82
CA HIS A 21 12.64 0.40 7.18
C HIS A 21 12.66 1.92 7.34
N LYS A 22 13.13 2.63 6.32
CA LYS A 22 13.18 4.09 6.40
C LYS A 22 11.80 4.71 6.30
N THR A 23 10.86 4.06 5.61
CA THR A 23 9.56 4.67 5.33
C THR A 23 8.43 4.11 6.19
N TYR A 24 8.73 3.29 7.20
CA TYR A 24 7.69 2.65 8.01
C TYR A 24 8.14 2.69 9.45
N ASP A 25 7.52 3.59 10.24
CA ASP A 25 7.92 3.83 11.62
C ASP A 25 7.17 2.83 12.50
N ASP A 26 7.91 1.89 13.08
CA ASP A 26 7.30 0.91 13.97
C ASP A 26 6.69 1.57 15.20
N SER A 27 7.19 2.75 15.57
CA SER A 27 6.71 3.42 16.79
C SER A 27 5.38 4.12 16.59
N TYR A 28 5.01 4.43 15.35
CA TYR A 28 3.77 5.14 15.05
C TYR A 28 3.70 6.49 15.75
N SER A 29 4.86 7.06 16.12
CA SER A 29 4.87 8.28 16.93
C SER A 29 4.42 9.51 16.15
N ASP A 30 4.54 9.50 14.82
CA ASP A 30 4.00 10.58 14.02
C ASP A 30 2.47 10.66 14.05
N PHE A 31 1.77 9.73 14.73
CA PHE A 31 0.32 9.71 14.67
C PHE A 31 -0.33 10.80 15.54
N VAL A 32 0.35 11.27 16.57
CA VAL A 32 -0.24 12.31 17.40
C VAL A 32 -0.28 13.63 16.65
N ARG A 33 0.54 13.80 15.63
CA ARG A 33 0.51 15.01 14.83
C ARG A 33 -0.64 15.03 13.85
N PHE A 34 -1.38 13.91 13.71
CA PHE A 34 -2.60 13.90 12.91
C PHE A 34 -3.74 14.57 13.67
N ARG A 35 -4.78 14.91 12.93
CA ARG A 35 -6.02 15.34 13.59
C ARG A 35 -6.59 14.18 14.39
N PRO A 36 -7.06 14.42 15.60
CA PRO A 36 -7.44 13.33 16.49
C PRO A 36 -8.52 12.44 15.89
N PRO A 37 -8.64 11.23 16.39
CA PRO A 37 -9.77 10.37 16.02
C PRO A 37 -10.94 10.62 16.95
N VAL A 38 -12.15 10.49 16.41
CA VAL A 38 -13.34 10.84 17.19
C VAL A 38 -14.35 9.70 17.10
N ARG A 39 -14.72 9.16 18.25
CA ARG A 39 -15.79 8.17 18.35
C ARG A 39 -16.94 8.66 19.21
N ARG A 100 -21.81 13.11 11.50
CA ARG A 100 -21.48 12.03 10.58
C ARG A 100 -20.02 12.15 10.12
N LEU A 101 -19.32 11.01 10.09
CA LEU A 101 -17.95 10.86 9.58
C LEU A 101 -16.92 11.52 10.49
N SER A 102 -17.04 11.24 11.79
CA SER A 102 -16.08 11.74 12.78
C SER A 102 -14.67 11.21 12.54
N MET A 103 -14.53 10.05 11.91
CA MET A 103 -13.21 9.48 11.71
C MET A 103 -12.54 9.96 10.45
N LEU A 104 -13.27 10.67 9.58
CA LEU A 104 -12.69 11.11 8.33
C LEU A 104 -11.45 11.97 8.51
N PRO A 105 -11.46 13.03 9.33
CA PRO A 105 -10.22 13.82 9.44
C PRO A 105 -9.02 13.00 9.88
N HIS A 106 -9.15 12.16 10.91
CA HIS A 106 -8.01 11.37 11.36
C HIS A 106 -7.56 10.36 10.29
N LEU A 107 -8.51 9.64 9.70
CA LEU A 107 -8.12 8.65 8.71
C LEU A 107 -7.65 9.30 7.41
N ALA A 108 -8.23 10.44 7.04
CA ALA A 108 -7.68 11.18 5.91
C ALA A 108 -6.25 11.57 6.20
N ASP A 109 -5.99 12.02 7.42
CA ASP A 109 -4.62 12.36 7.79
C ASP A 109 -3.71 11.14 7.73
N LEU A 110 -4.18 10.01 8.26
CA LEU A 110 -3.35 8.81 8.24
C LEU A 110 -3.01 8.38 6.82
N VAL A 111 -4.00 8.35 5.95
CA VAL A 111 -3.75 7.95 4.59
C VAL A 111 -2.83 8.94 3.89
N SER A 112 -3.01 10.23 4.14
CA SER A 112 -2.19 11.22 3.44
C SER A 112 -0.74 11.04 3.81
N TYR A 113 -0.47 10.84 5.10
CA TYR A 113 0.86 10.50 5.60
C TYR A 113 1.44 9.27 4.90
N SER A 114 0.72 8.15 4.93
CA SER A 114 1.30 6.96 4.31
C SER A 114 1.42 7.06 2.81
N ILE A 115 0.62 7.91 2.14
CA ILE A 115 0.90 8.17 0.73
C ILE A 115 2.29 8.78 0.60
N GLN A 116 2.67 9.66 1.52
CA GLN A 116 4.00 10.23 1.43
C GLN A 116 5.05 9.16 1.64
N LYS A 117 4.79 8.23 2.55
CA LYS A 117 5.75 7.16 2.80
C LYS A 117 5.92 6.28 1.57
N VAL A 118 4.82 5.95 0.91
CA VAL A 118 4.85 5.05 -0.24
C VAL A 118 5.61 5.69 -1.39
N ILE A 119 5.50 7.01 -1.52
CA ILE A 119 6.29 7.73 -2.51
C ILE A 119 7.76 7.57 -2.20
N GLY A 120 8.11 7.65 -0.91
CA GLY A 120 9.49 7.45 -0.49
C GLY A 120 9.97 6.03 -0.75
N PHE A 121 9.16 5.04 -0.39
CA PHE A 121 9.46 3.66 -0.71
C PHE A 121 9.76 3.49 -2.20
N ALA A 122 8.84 3.96 -3.04
CA ALA A 122 9.00 3.80 -4.49
C ALA A 122 10.34 4.32 -4.96
N LYS A 123 10.69 5.55 -4.57
CA LYS A 123 11.92 6.17 -5.07
C LYS A 123 13.15 5.32 -4.78
N MET A 124 13.09 4.47 -3.76
CA MET A 124 14.19 3.59 -3.44
C MET A 124 14.06 2.20 -4.07
N ILE A 125 12.93 1.89 -4.68
CA ILE A 125 12.85 0.62 -5.42
C ILE A 125 13.89 0.63 -6.52
N PRO A 126 14.75 -0.38 -6.61
CA PRO A 126 15.78 -0.39 -7.66
C PRO A 126 15.20 -0.15 -9.05
N GLY A 127 15.49 1.02 -9.62
CA GLY A 127 15.12 1.34 -10.99
C GLY A 127 13.85 2.14 -11.16
N PHE A 128 13.10 2.38 -10.08
CA PHE A 128 11.97 3.28 -10.18
C PHE A 128 12.44 4.68 -10.52
N ARG A 129 13.56 5.12 -9.92
CA ARG A 129 14.04 6.49 -10.07
C ARG A 129 14.44 6.78 -11.52
N ASP A 130 14.37 5.79 -12.40
CA ASP A 130 14.86 5.91 -13.77
C ASP A 130 13.77 5.82 -14.83
N LEU A 131 12.50 5.70 -14.45
CA LEU A 131 11.44 5.81 -15.43
C LEU A 131 11.11 7.27 -15.69
N THR A 132 10.26 7.51 -16.68
CA THR A 132 9.77 8.87 -16.87
C THR A 132 9.06 9.32 -15.60
N ALA A 133 9.30 10.56 -15.19
CA ALA A 133 8.58 11.11 -14.05
C ALA A 133 7.08 10.90 -14.17
N GLU A 134 6.58 10.90 -15.41
CA GLU A 134 5.16 10.66 -15.63
C GLU A 134 4.79 9.22 -15.30
N ASP A 135 5.61 8.26 -15.74
CA ASP A 135 5.37 6.86 -15.40
C ASP A 135 5.41 6.66 -13.89
N GLN A 136 6.38 7.29 -13.21
CA GLN A 136 6.45 7.20 -11.76
C GLN A 136 5.13 7.63 -11.11
N ILE A 137 4.58 8.76 -11.56
CA ILE A 137 3.39 9.32 -10.93
C ILE A 137 2.17 8.46 -11.22
N ALA A 138 2.00 8.05 -12.49
CA ALA A 138 0.94 7.12 -12.87
C ALA A 138 0.96 5.82 -12.04
N LEU A 139 2.14 5.20 -11.87
CA LEU A 139 2.18 3.99 -11.05
C LEU A 139 1.90 4.31 -9.59
N LEU A 140 2.35 5.46 -9.12
CA LEU A 140 2.13 5.81 -7.71
C LEU A 140 0.67 6.15 -7.45
N LYS A 141 0.08 7.00 -8.31
CA LYS A 141 -1.34 7.33 -8.14
C LYS A 141 -2.21 6.08 -8.12
N SER A 142 -2.10 5.26 -9.17
CA SER A 142 -2.99 4.11 -9.34
C SER A 142 -2.77 3.02 -8.32
N SER A 143 -1.58 2.94 -7.73
CA SER A 143 -1.26 1.83 -6.85
C SER A 143 -1.22 2.24 -5.38
N ALA A 144 -1.23 3.54 -5.09
CA ALA A 144 -1.02 4.00 -3.71
C ALA A 144 -1.94 3.31 -2.74
N ILE A 145 -3.21 3.17 -3.12
CA ILE A 145 -4.16 2.67 -2.14
C ILE A 145 -3.93 1.19 -1.88
N GLU A 146 -3.39 0.47 -2.88
CA GLU A 146 -3.08 -0.95 -2.69
C GLU A 146 -1.85 -1.14 -1.81
N ILE A 147 -0.81 -0.32 -2.03
CA ILE A 147 0.37 -0.36 -1.18
C ILE A 147 -0.02 -0.09 0.26
N ILE A 148 -0.93 0.86 0.47
CA ILE A 148 -1.34 1.24 1.81
C ILE A 148 -2.05 0.09 2.48
N MET A 149 -3.00 -0.52 1.78
CA MET A 149 -3.62 -1.76 2.23
C MET A 149 -2.57 -2.84 2.51
N LEU A 150 -1.53 -2.94 1.67
CA LEU A 150 -0.47 -3.93 1.87
C LEU A 150 0.36 -3.59 3.10
N ARG A 151 0.90 -2.36 3.14
CA ARG A 151 1.86 -2.03 4.19
C ARG A 151 1.19 -2.11 5.54
N SER A 152 -0.13 -1.89 5.56
CA SER A 152 -0.91 -1.86 6.79
C SER A 152 -1.03 -3.23 7.43
N ASN A 153 -0.77 -4.30 6.68
CA ASN A 153 -0.85 -5.61 7.30
C ASN A 153 0.10 -5.70 8.49
N GLN A 154 1.20 -4.94 8.44
CA GLN A 154 2.16 -4.90 9.54
C GLN A 154 1.53 -4.46 10.87
N SER A 155 0.40 -3.72 10.87
CA SER A 155 -0.25 -3.39 12.15
C SER A 155 -1.53 -4.18 12.41
N PHE A 156 -2.02 -4.95 11.45
CA PHE A 156 -3.23 -5.75 11.63
C PHE A 156 -2.93 -6.97 12.49
N SER A 157 -3.43 -6.99 13.73
CA SER A 157 -3.34 -8.18 14.56
C SER A 157 -4.60 -8.99 14.39
N LEU A 158 -4.43 -10.33 14.31
CA LEU A 158 -5.58 -11.19 14.09
C LEU A 158 -6.32 -11.46 15.39
N GLU A 159 -5.60 -11.51 16.52
CA GLU A 159 -6.25 -11.62 17.82
C GLU A 159 -7.30 -10.53 18.03
N ASP A 160 -7.09 -9.32 17.47
CA ASP A 160 -8.00 -8.18 17.65
C ASP A 160 -8.84 -7.84 16.42
N MET A 161 -8.48 -8.34 15.24
CA MET A 161 -9.18 -8.04 13.99
C MET A 161 -9.28 -6.54 13.77
N SER A 162 -8.19 -5.86 14.08
CA SER A 162 -8.08 -4.42 13.88
C SER A 162 -6.62 -4.11 13.66
N TRP A 163 -6.35 -2.88 13.24
CA TRP A 163 -5.00 -2.37 13.20
C TRP A 163 -4.78 -1.62 14.51
N SER A 164 -4.04 -2.22 15.43
CA SER A 164 -3.67 -1.57 16.67
C SER A 164 -2.37 -0.82 16.44
N CYS A 165 -2.40 0.50 16.54
CA CYS A 165 -1.20 1.26 16.22
C CYS A 165 -0.50 1.87 17.42
N GLY A 166 0.02 1.04 18.31
CA GLY A 166 0.80 1.53 19.43
C GLY A 166 0.07 2.46 20.36
N GLY A 167 -1.24 2.61 20.20
CA GLY A 167 -2.03 3.44 21.08
C GLY A 167 -3.49 3.08 20.94
N PRO A 168 -4.20 3.01 22.07
CA PRO A 168 -5.64 2.73 22.01
C PRO A 168 -6.43 3.80 21.27
N ASP A 169 -5.98 5.06 21.29
CA ASP A 169 -6.59 6.03 20.40
C ASP A 169 -6.33 5.71 18.94
N PHE A 170 -5.35 4.85 18.65
CA PHE A 170 -4.96 4.51 17.28
C PHE A 170 -5.25 3.05 16.92
N LYS A 171 -6.18 2.41 17.61
CA LYS A 171 -6.67 1.09 17.24
C LYS A 171 -7.94 1.27 16.42
N TYR A 172 -7.89 0.86 15.15
CA TYR A 172 -8.98 1.10 14.20
C TYR A 172 -9.74 -0.20 13.97
N CYS A 173 -10.90 -0.32 14.60
CA CYS A 173 -11.78 -1.42 14.23
C CYS A 173 -12.64 -1.01 13.03
N ILE A 174 -13.40 -1.98 12.53
CA ILE A 174 -14.19 -1.80 11.32
C ILE A 174 -15.20 -0.68 11.49
N ASN A 175 -15.76 -0.55 12.69
CA ASN A 175 -16.72 0.51 12.95
C ASN A 175 -16.05 1.89 12.90
N ASP A 176 -14.74 1.95 13.10
CA ASP A 176 -14.08 3.23 12.90
C ASP A 176 -14.09 3.63 11.43
N VAL A 177 -13.81 2.69 10.53
CA VAL A 177 -13.70 3.05 9.13
C VAL A 177 -15.06 3.33 8.53
N THR A 178 -16.12 2.75 9.08
CA THR A 178 -17.44 3.16 8.63
C THR A 178 -17.70 4.63 8.96
N LYS A 179 -17.18 5.11 10.09
CA LYS A 179 -17.35 6.50 10.48
C LYS A 179 -16.40 7.42 9.76
N ALA A 180 -15.86 6.96 8.63
CA ALA A 180 -15.07 7.78 7.73
C ALA A 180 -15.61 7.70 6.32
N GLY A 181 -16.78 7.09 6.13
CA GLY A 181 -17.46 7.09 4.86
C GLY A 181 -17.64 5.72 4.20
N HIS A 182 -16.86 4.72 4.58
CA HIS A 182 -16.88 3.46 3.85
C HIS A 182 -17.86 2.45 4.45
N THR A 183 -18.32 1.52 3.61
CA THR A 183 -19.26 0.47 3.99
C THR A 183 -18.62 -0.92 3.93
N LEU A 184 -19.40 -1.91 4.38
CA LEU A 184 -18.91 -3.26 4.45
C LEU A 184 -18.62 -3.83 3.08
N GLU A 185 -19.26 -3.31 2.03
CA GLU A 185 -18.96 -3.78 0.68
C GLU A 185 -17.47 -3.65 0.40
N LEU A 186 -16.81 -2.68 1.03
CA LEU A 186 -15.36 -2.56 1.01
C LEU A 186 -14.70 -3.16 2.25
N LEU A 187 -15.20 -2.83 3.43
CA LEU A 187 -14.48 -3.16 4.65
C LEU A 187 -14.41 -4.67 4.87
N GLU A 188 -15.48 -5.39 4.58
CA GLU A 188 -15.43 -6.82 4.87
C GLU A 188 -14.49 -7.57 3.91
N PRO A 189 -14.49 -7.29 2.60
CA PRO A 189 -13.43 -7.88 1.77
C PRO A 189 -12.05 -7.43 2.20
N LEU A 190 -11.96 -6.27 2.84
CA LEU A 190 -10.66 -5.74 3.23
C LEU A 190 -10.11 -6.45 4.45
N VAL A 191 -10.94 -6.65 5.45
CA VAL A 191 -10.53 -7.42 6.62
C VAL A 191 -10.12 -8.83 6.19
N LYS A 192 -10.95 -9.47 5.37
CA LYS A 192 -10.62 -10.82 4.90
C LYS A 192 -9.29 -10.83 4.14
N PHE A 193 -9.01 -9.77 3.37
CA PHE A 193 -7.69 -9.68 2.73
C PHE A 193 -6.58 -9.67 3.77
N GLN A 194 -6.72 -8.82 4.80
CA GLN A 194 -5.66 -8.68 5.80
C GLN A 194 -5.51 -9.95 6.65
N VAL A 195 -6.60 -10.63 6.94
CA VAL A 195 -6.48 -11.86 7.72
C VAL A 195 -5.91 -12.97 6.85
N GLY A 196 -6.27 -13.00 5.56
CA GLY A 196 -5.62 -13.92 4.64
C GLY A 196 -4.14 -13.63 4.46
N LEU A 197 -3.78 -12.34 4.36
CA LEU A 197 -2.37 -11.99 4.17
C LEU A 197 -1.57 -12.19 5.46
N LYS A 198 -2.17 -11.92 6.62
CA LYS A 198 -1.44 -12.16 7.85
C LYS A 198 -1.18 -13.64 8.03
N LYS A 199 -2.16 -14.46 7.68
CA LYS A 199 -2.04 -15.92 7.80
C LYS A 199 -0.91 -16.49 6.96
N LEU A 200 -0.44 -15.74 5.95
CA LEU A 200 0.65 -16.26 5.12
C LEU A 200 2.01 -16.10 5.78
N LYS A 201 2.07 -15.46 6.95
CA LYS A 201 3.27 -15.43 7.79
C LYS A 201 4.52 -15.12 6.96
N LEU A 202 4.40 -14.09 6.13
CA LEU A 202 5.49 -13.71 5.25
C LEU A 202 6.72 -13.30 6.02
N HIS A 203 7.87 -13.53 5.41
CA HIS A 203 9.09 -12.91 5.86
C HIS A 203 9.10 -11.44 5.44
N GLU A 204 10.04 -10.69 6.01
CA GLU A 204 10.11 -9.26 5.70
C GLU A 204 10.40 -9.04 4.22
N GLU A 205 11.33 -9.81 3.66
CA GLU A 205 11.71 -9.62 2.27
C GLU A 205 10.57 -9.96 1.33
N GLU A 206 9.70 -10.88 1.72
CA GLU A 206 8.55 -11.22 0.86
C GLU A 206 7.52 -10.11 0.87
N HIS A 207 7.15 -9.64 2.07
CA HIS A 207 6.21 -8.53 2.21
C HIS A 207 6.69 -7.30 1.44
N VAL A 208 7.99 -7.01 1.54
CA VAL A 208 8.54 -5.85 0.87
C VAL A 208 8.64 -6.10 -0.62
N LEU A 209 9.09 -7.30 -1.03
CA LEU A 209 9.08 -7.62 -2.46
C LEU A 209 7.66 -7.53 -3.02
N LEU A 210 6.68 -8.01 -2.26
CA LEU A 210 5.31 -7.98 -2.75
C LEU A 210 4.83 -6.54 -2.99
N MET A 211 5.25 -5.60 -2.14
CA MET A 211 4.85 -4.21 -2.35
C MET A 211 5.48 -3.64 -3.60
N ALA A 212 6.79 -3.87 -3.79
CA ALA A 212 7.46 -3.35 -4.97
C ALA A 212 6.89 -3.95 -6.25
N ILE A 213 6.59 -5.26 -6.23
CA ILE A 213 5.95 -5.88 -7.40
C ILE A 213 4.56 -5.29 -7.62
N CYS A 214 3.83 -5.03 -6.53
CA CYS A 214 2.53 -4.37 -6.66
C CYS A 214 2.68 -3.00 -7.30
N LEU A 215 3.68 -2.23 -6.87
CA LEU A 215 3.84 -0.87 -7.35
C LEU A 215 4.25 -0.84 -8.82
N LEU A 216 5.08 -1.80 -9.24
CA LEU A 216 5.65 -1.83 -10.58
C LEU A 216 4.77 -2.56 -11.60
N SER A 217 3.49 -2.73 -11.34
CA SER A 217 2.60 -3.27 -12.36
C SER A 217 2.54 -2.30 -13.54
N PRO A 218 2.74 -2.76 -14.78
CA PRO A 218 2.61 -1.88 -15.93
C PRO A 218 1.19 -1.75 -16.46
N ASP A 219 0.27 -2.56 -15.98
CA ASP A 219 -1.12 -2.56 -16.41
C ASP A 219 -1.99 -1.63 -15.56
N ARG A 220 -1.54 -0.39 -15.41
CA ARG A 220 -2.36 0.59 -14.74
C ARG A 220 -2.64 1.74 -15.68
N PRO A 221 -3.76 2.43 -15.49
CA PRO A 221 -4.06 3.62 -16.30
C PRO A 221 -2.94 4.64 -16.26
N GLY A 222 -2.55 5.13 -17.43
CA GLY A 222 -1.59 6.20 -17.55
C GLY A 222 -0.18 5.76 -17.90
N VAL A 223 0.21 4.53 -17.59
CA VAL A 223 1.60 4.09 -17.77
C VAL A 223 1.95 4.15 -19.25
N GLN A 224 3.12 4.72 -19.57
CA GLN A 224 3.53 4.80 -20.97
C GLN A 224 4.50 3.69 -21.34
N ASP A 225 5.76 3.79 -20.92
CA ASP A 225 6.76 2.77 -21.24
C ASP A 225 6.38 1.46 -20.58
N HIS A 226 5.31 0.82 -21.08
CA HIS A 226 4.91 -0.46 -20.54
C HIS A 226 6.02 -1.50 -20.67
N VAL A 227 6.72 -1.51 -21.81
CA VAL A 227 7.78 -2.50 -22.03
C VAL A 227 8.72 -2.55 -20.84
N ARG A 228 9.18 -1.38 -20.37
CA ARG A 228 10.24 -1.43 -19.38
C ARG A 228 9.70 -1.69 -17.98
N ILE A 229 8.59 -1.06 -17.60
CA ILE A 229 7.97 -1.32 -16.29
C ILE A 229 7.74 -2.82 -16.12
N GLU A 230 7.25 -3.45 -17.18
CA GLU A 230 7.15 -4.91 -17.26
C GLU A 230 8.47 -5.58 -16.89
N ALA A 231 9.58 -5.11 -17.45
CA ALA A 231 10.88 -5.72 -17.20
C ALA A 231 11.26 -5.67 -15.73
N LEU A 232 11.23 -4.48 -15.11
CA LEU A 232 11.71 -4.38 -13.74
C LEU A 232 10.80 -5.13 -12.78
N GLN A 233 9.49 -5.09 -13.05
CA GLN A 233 8.60 -5.89 -12.23
C GLN A 233 8.95 -7.36 -12.36
N ASP A 234 9.23 -7.81 -13.59
CA ASP A 234 9.61 -9.20 -13.79
C ASP A 234 10.91 -9.51 -13.06
N ARG A 235 11.83 -8.56 -13.05
CA ARG A 235 13.10 -8.79 -12.34
C ARG A 235 12.86 -9.02 -10.85
N LEU A 236 11.81 -8.43 -10.28
CA LEU A 236 11.53 -8.59 -8.85
C LEU A 236 10.68 -9.82 -8.57
N CYS A 237 9.76 -10.14 -9.48
CA CYS A 237 9.04 -11.39 -9.40
C CYS A 237 9.99 -12.58 -9.31
N ASP A 238 11.06 -12.54 -10.10
CA ASP A 238 12.01 -13.64 -10.10
C ASP A 238 12.92 -13.59 -8.87
N VAL A 239 13.32 -12.40 -8.42
CA VAL A 239 14.04 -12.32 -7.14
C VAL A 239 13.18 -12.96 -6.05
N LEU A 240 11.91 -12.56 -6.00
CA LEU A 240 10.99 -13.10 -5.00
C LEU A 240 10.88 -14.61 -5.13
N GLN A 241 10.50 -15.07 -6.32
CA GLN A 241 10.31 -16.49 -6.58
C GLN A 241 11.54 -17.33 -6.23
N ALA A 242 12.74 -16.83 -6.54
CA ALA A 242 13.96 -17.47 -6.08
C ALA A 242 14.04 -17.47 -4.56
N TYR A 243 13.77 -16.33 -3.93
CA TYR A 243 13.84 -16.26 -2.47
C TYR A 243 12.99 -17.33 -1.82
N ILE A 244 11.74 -17.50 -2.30
CA ILE A 244 10.80 -18.44 -1.67
C ILE A 244 11.29 -19.87 -1.86
N ARG A 245 11.70 -20.21 -3.08
CA ARG A 245 12.24 -21.53 -3.37
C ARG A 245 13.44 -21.83 -2.49
N ILE A 246 14.35 -20.87 -2.36
CA ILE A 246 15.62 -21.15 -1.73
C ILE A 246 15.57 -20.95 -0.23
N GLN A 247 14.88 -19.92 0.27
CA GLN A 247 15.04 -19.49 1.65
C GLN A 247 13.82 -19.75 2.54
N HIS A 248 12.73 -20.30 2.01
CA HIS A 248 11.53 -20.42 2.84
C HIS A 248 11.10 -21.86 3.00
N PRO A 249 11.27 -22.47 4.18
CA PRO A 249 10.90 -23.88 4.37
C PRO A 249 9.39 -24.04 4.40
N GLY A 250 8.86 -24.85 3.48
CA GLY A 250 7.44 -25.09 3.39
C GLY A 250 6.65 -24.07 2.60
N GLY A 251 7.29 -23.31 1.72
CA GLY A 251 6.58 -22.39 0.87
C GLY A 251 6.52 -22.86 -0.56
N ARG A 252 6.20 -24.13 -0.77
CA ARG A 252 6.22 -24.71 -2.10
C ARG A 252 5.15 -24.11 -3.00
N LEU A 253 4.14 -23.45 -2.43
CA LEU A 253 3.06 -22.84 -3.21
C LEU A 253 2.94 -21.35 -2.97
N LEU A 254 3.90 -20.76 -2.27
CA LEU A 254 3.65 -19.49 -1.60
C LEU A 254 3.63 -18.32 -2.58
N TYR A 255 4.53 -18.34 -3.57
CA TYR A 255 4.54 -17.36 -4.64
C TYR A 255 3.13 -17.20 -5.23
N ALA A 256 2.47 -18.33 -5.52
CA ALA A 256 1.13 -18.27 -6.11
C ALA A 256 0.12 -17.66 -5.16
N LYS A 257 0.25 -17.92 -3.86
CA LYS A 257 -0.64 -17.30 -2.89
C LYS A 257 -0.48 -15.79 -2.90
N MET A 258 0.75 -15.32 -3.12
CA MET A 258 1.03 -13.89 -3.11
C MET A 258 0.47 -13.21 -4.35
N ILE A 259 0.56 -13.86 -5.51
CA ILE A 259 0.01 -13.30 -6.73
C ILE A 259 -1.50 -13.16 -6.64
N GLN A 260 -2.15 -14.12 -5.97
CA GLN A 260 -3.58 -13.98 -5.76
C GLN A 260 -3.89 -12.77 -4.91
N LYS A 261 -3.03 -12.51 -3.91
CA LYS A 261 -3.23 -11.34 -3.08
C LYS A 261 -3.16 -10.05 -3.89
N LEU A 262 -2.31 -10.01 -4.93
CA LEU A 262 -2.30 -8.85 -5.81
C LEU A 262 -3.65 -8.65 -6.49
N ALA A 263 -4.24 -9.73 -6.97
CA ALA A 263 -5.55 -9.64 -7.61
C ALA A 263 -6.64 -9.25 -6.63
N ASP A 264 -6.56 -9.72 -5.37
CA ASP A 264 -7.42 -9.19 -4.33
C ASP A 264 -7.33 -7.67 -4.29
N LEU A 265 -6.11 -7.15 -4.26
CA LEU A 265 -5.88 -5.72 -4.07
C LEU A 265 -6.60 -4.91 -5.14
N ARG A 266 -6.61 -5.41 -6.38
CA ARG A 266 -7.30 -4.72 -7.46
C ARG A 266 -8.79 -4.62 -7.20
N SER A 267 -9.41 -5.71 -6.73
CA SER A 267 -10.83 -5.67 -6.40
C SER A 267 -11.14 -4.62 -5.33
N LEU A 268 -10.29 -4.49 -4.31
CA LEU A 268 -10.59 -3.54 -3.26
C LEU A 268 -10.30 -2.13 -3.73
N ASN A 269 -9.22 -1.94 -4.49
CA ASN A 269 -8.96 -0.66 -5.14
C ASN A 269 -10.20 -0.18 -5.89
N GLU A 270 -10.76 -1.07 -6.72
CA GLU A 270 -11.99 -0.76 -7.44
C GLU A 270 -13.08 -0.26 -6.48
N GLU A 271 -13.28 -0.98 -5.38
CA GLU A 271 -14.38 -0.63 -4.49
C GLU A 271 -14.09 0.66 -3.75
N HIS A 272 -12.87 0.81 -3.22
CA HIS A 272 -12.49 2.07 -2.60
C HIS A 272 -12.73 3.24 -3.55
N SER A 273 -12.12 3.19 -4.73
CA SER A 273 -12.35 4.20 -5.77
C SER A 273 -13.82 4.55 -5.90
N LYS A 274 -14.66 3.52 -6.03
CA LYS A 274 -16.09 3.76 -6.14
C LYS A 274 -16.59 4.53 -4.93
N GLN A 275 -16.18 4.11 -3.74
CA GLN A 275 -16.69 4.71 -2.51
C GLN A 275 -16.04 6.07 -2.26
N TYR A 276 -14.74 6.19 -2.55
CA TYR A 276 -14.08 7.48 -2.42
C TYR A 276 -14.75 8.52 -3.29
N ARG A 277 -15.04 8.17 -4.56
CA ARG A 277 -15.63 9.14 -5.46
C ARG A 277 -16.92 9.68 -4.89
N SER A 278 -17.70 8.83 -4.22
CA SER A 278 -18.94 9.29 -3.62
C SER A 278 -18.65 10.24 -2.46
N LEU A 279 -17.62 9.95 -1.67
CA LEU A 279 -17.30 10.83 -0.55
C LEU A 279 -16.74 12.15 -1.04
N SER A 280 -15.84 12.11 -2.02
CA SER A 280 -15.13 13.29 -2.48
C SER A 280 -15.98 14.22 -3.33
N PHE A 281 -17.19 13.81 -3.73
CA PHE A 281 -18.03 14.69 -4.53
C PHE A 281 -18.96 15.54 -3.68
N GLN A 282 -18.90 15.40 -2.35
CA GLN A 282 -19.67 16.24 -1.45
C GLN A 282 -18.74 17.19 -0.70
N PRO A 283 -18.97 18.51 -0.79
CA PRO A 283 -17.97 19.46 -0.27
C PRO A 283 -17.83 19.38 1.24
N GLU A 284 -18.93 19.08 1.92
CA GLU A 284 -18.96 18.66 3.31
C GLU A 284 -17.76 17.80 3.71
N HIS A 285 -17.44 16.80 2.90
CA HIS A 285 -16.44 15.80 3.23
C HIS A 285 -15.12 16.01 2.50
N SER A 286 -15.17 16.39 1.22
CA SER A 286 -13.92 16.68 0.53
C SER A 286 -13.10 17.73 1.29
N MET A 287 -13.77 18.67 1.96
CA MET A 287 -13.01 19.70 2.67
C MET A 287 -12.22 19.13 3.84
N GLN A 288 -12.64 17.96 4.34
CA GLN A 288 -11.93 17.27 5.41
C GLN A 288 -10.76 16.44 4.92
N LEU A 289 -10.62 16.24 3.61
CA LEU A 289 -9.46 15.51 3.11
C LEU A 289 -8.23 16.43 3.10
N THR A 290 -7.11 15.92 2.61
CA THR A 290 -5.90 16.70 2.53
C THR A 290 -5.60 17.01 1.07
N PRO A 291 -4.75 18.01 0.81
CA PRO A 291 -4.35 18.23 -0.59
C PRO A 291 -3.72 16.99 -1.23
N LEU A 292 -2.88 16.25 -0.49
CA LEU A 292 -2.22 15.09 -1.11
C LEU A 292 -3.23 14.00 -1.45
N VAL A 293 -4.15 13.71 -0.53
CA VAL A 293 -5.19 12.72 -0.78
C VAL A 293 -6.04 13.11 -1.99
N LEU A 294 -6.51 14.37 -2.03
CA LEU A 294 -7.36 14.78 -3.16
C LEU A 294 -6.62 14.66 -4.49
N GLU A 295 -5.34 15.02 -4.50
CA GLU A 295 -4.59 14.95 -5.75
C GLU A 295 -4.42 13.51 -6.21
N VAL A 296 -4.14 12.58 -5.29
CA VAL A 296 -3.72 11.25 -5.66
C VAL A 296 -4.91 10.36 -6.02
N PHE A 297 -5.92 10.32 -5.14
CA PHE A 297 -7.14 9.58 -5.39
C PHE A 297 -8.10 10.32 -6.28
N GLY A 298 -7.63 11.29 -7.06
CA GLY A 298 -8.51 12.15 -7.80
C GLY A 298 -8.48 11.89 -9.30
N SER A 299 -9.55 12.29 -9.98
CA SER A 299 -9.77 11.98 -11.39
C SER A 299 -8.93 12.81 -12.34
N GLU A 300 -8.22 13.83 -11.84
CA GLU A 300 -7.52 14.74 -12.74
C GLU A 300 -6.32 14.05 -13.37
N VAL A 301 -6.22 14.13 -14.69
CA VAL A 301 -5.13 13.48 -15.40
C VAL A 301 -3.84 14.26 -15.22
N ARG B 1 -4.12 23.59 -7.64
CA ARG B 1 -3.14 24.23 -8.51
C ARG B 1 -1.71 23.85 -8.11
N HIS B 2 -1.00 23.25 -9.08
CA HIS B 2 0.34 22.70 -8.98
C HIS B 2 0.39 21.37 -8.20
N LYS B 3 0.77 20.32 -8.91
CA LYS B 3 0.76 18.97 -8.38
C LYS B 3 1.85 18.83 -7.32
N ILE B 4 1.44 18.44 -6.12
CA ILE B 4 2.39 18.05 -5.11
C ILE B 4 3.24 16.88 -5.65
N LEU B 8 8.20 13.58 -6.46
CA LEU B 8 9.30 12.92 -7.11
C LEU B 8 10.67 13.57 -6.92
N GLN B 9 10.71 14.84 -6.57
CA GLN B 9 11.99 15.57 -6.58
C GLN B 9 12.33 16.21 -5.24
#